data_1H9F
#
_entry.id   1H9F
#
_cell.length_a   1.000
_cell.length_b   1.000
_cell.length_c   1.000
_cell.angle_alpha   90.00
_cell.angle_beta   90.00
_cell.angle_gamma   90.00
#
_symmetry.space_group_name_H-M   'P 1'
#
_entity_poly.entity_id   1
_entity_poly.type   'polypeptide(L)'
_entity_poly.pdbx_seq_one_letter_code
;RQEDKDDLDVTELTNEDLLDQLVKYGVNPGPIVGTTRKLYEKKLLKLREQGTESRSS
;
_entity_poly.pdbx_strand_id   A
#
# COMPACT_ATOMS: atom_id res chain seq x y z
N ARG A 1 1.32 8.54 -17.65
CA ARG A 1 1.53 9.59 -16.62
C ARG A 1 1.05 9.05 -15.26
N GLN A 2 1.95 8.56 -14.45
CA GLN A 2 1.54 8.03 -13.12
C GLN A 2 1.65 9.13 -12.07
N GLU A 3 2.75 9.84 -12.06
CA GLU A 3 2.94 10.93 -11.06
C GLU A 3 2.61 10.41 -9.66
N ASP A 4 3.63 10.12 -8.89
CA ASP A 4 3.38 9.61 -7.50
C ASP A 4 2.58 8.31 -7.56
N LYS A 5 2.92 7.36 -6.73
CA LYS A 5 2.19 6.07 -6.72
C LYS A 5 1.57 5.88 -5.33
N ASP A 6 2.38 5.86 -4.30
CA ASP A 6 1.82 5.71 -2.91
C ASP A 6 1.14 7.02 -2.50
N ASP A 7 1.08 8.00 -3.37
CA ASP A 7 0.44 9.30 -3.03
C ASP A 7 -0.80 9.07 -2.16
N LEU A 8 -1.66 8.15 -2.54
CA LEU A 8 -2.87 7.89 -1.71
C LEU A 8 -2.44 7.73 -0.26
N ASP A 9 -3.06 8.44 0.64
CA ASP A 9 -2.67 8.30 2.07
C ASP A 9 -2.77 6.82 2.45
N VAL A 10 -1.71 6.09 2.28
CA VAL A 10 -1.73 4.65 2.60
C VAL A 10 -1.79 4.43 4.11
N THR A 11 -1.77 5.49 4.87
CA THR A 11 -1.82 5.32 6.37
C THR A 11 -3.21 5.71 6.92
N GLU A 12 -3.66 6.92 6.69
CA GLU A 12 -5.00 7.31 7.22
C GLU A 12 -6.05 6.43 6.56
N LEU A 13 -5.74 5.93 5.41
CA LEU A 13 -6.69 5.06 4.64
C LEU A 13 -7.52 4.20 5.59
N THR A 14 -8.62 3.70 5.11
CA THR A 14 -9.49 2.86 5.97
C THR A 14 -8.98 1.42 5.96
N ASN A 15 -9.70 0.52 6.59
CA ASN A 15 -9.24 -0.90 6.61
C ASN A 15 -9.94 -1.70 5.50
N GLU A 16 -11.24 -1.74 5.51
CA GLU A 16 -11.96 -2.52 4.45
C GLU A 16 -11.60 -2.01 3.06
N ASP A 17 -11.17 -0.78 2.96
CA ASP A 17 -10.84 -0.22 1.61
C ASP A 17 -9.35 -0.44 1.27
N LEU A 18 -8.48 -0.56 2.24
CA LEU A 18 -7.04 -0.76 1.87
C LEU A 18 -6.81 -2.23 1.57
N LEU A 19 -7.72 -3.07 1.96
CA LEU A 19 -7.54 -4.52 1.67
C LEU A 19 -7.38 -4.69 0.16
N ASP A 20 -7.78 -3.71 -0.60
CA ASP A 20 -7.65 -3.83 -2.08
C ASP A 20 -6.20 -3.49 -2.46
N GLN A 21 -5.59 -2.58 -1.76
CA GLN A 21 -4.20 -2.19 -2.07
C GLN A 21 -3.24 -3.32 -1.70
N LEU A 22 -3.62 -4.16 -0.79
CA LEU A 22 -2.71 -5.26 -0.38
C LEU A 22 -3.13 -6.54 -1.07
N VAL A 23 -4.37 -6.90 -0.97
CA VAL A 23 -4.83 -8.17 -1.59
C VAL A 23 -4.65 -8.16 -3.11
N LYS A 24 -4.23 -7.08 -3.73
CA LYS A 24 -4.10 -7.18 -5.21
C LYS A 24 -2.66 -7.11 -5.66
N TYR A 25 -1.82 -6.38 -5.00
CA TYR A 25 -0.41 -6.35 -5.43
C TYR A 25 0.20 -7.73 -5.13
N GLY A 26 -0.56 -8.60 -4.53
CA GLY A 26 -0.02 -9.92 -4.19
C GLY A 26 0.29 -9.86 -2.69
N VAL A 27 -0.43 -9.03 -1.99
CA VAL A 27 -0.17 -8.88 -0.53
C VAL A 27 -1.36 -9.40 0.27
N ASN A 28 -1.12 -10.25 1.24
CA ASN A 28 -2.24 -10.78 2.06
C ASN A 28 -1.90 -10.64 3.54
N PRO A 29 -2.30 -9.52 4.10
CA PRO A 29 -2.07 -9.22 5.52
C PRO A 29 -3.02 -9.99 6.43
N GLY A 30 -4.31 -9.95 6.17
CA GLY A 30 -5.26 -10.71 7.03
C GLY A 30 -5.93 -9.76 8.03
N PRO A 31 -5.44 -9.75 9.25
CA PRO A 31 -5.98 -8.91 10.33
C PRO A 31 -5.48 -7.47 10.22
N ILE A 32 -6.28 -6.60 9.66
CA ILE A 32 -5.86 -5.18 9.55
C ILE A 32 -6.45 -4.40 10.71
N VAL A 33 -6.22 -4.84 11.91
CA VAL A 33 -6.75 -4.13 13.10
C VAL A 33 -6.44 -2.63 12.99
N GLY A 34 -6.88 -1.85 13.93
CA GLY A 34 -6.61 -0.38 13.87
C GLY A 34 -5.12 -0.10 14.16
N THR A 35 -4.35 -1.14 14.37
CA THR A 35 -2.90 -0.94 14.65
C THR A 35 -2.08 -1.48 13.48
N THR A 36 -2.72 -1.96 12.45
CA THR A 36 -1.95 -2.51 11.31
C THR A 36 -1.90 -1.54 10.13
N ARG A 37 -3.00 -0.93 9.76
CA ARG A 37 -2.96 0.01 8.59
C ARG A 37 -1.60 0.75 8.55
N LYS A 38 -1.18 1.34 9.64
CA LYS A 38 0.15 2.02 9.63
C LYS A 38 1.20 1.03 9.13
N LEU A 39 1.22 -0.14 9.72
CA LEU A 39 2.18 -1.20 9.31
C LEU A 39 2.08 -1.45 7.80
N TYR A 40 0.94 -1.87 7.34
CA TYR A 40 0.76 -2.15 5.89
C TYR A 40 0.82 -0.85 5.09
N GLU A 41 0.89 0.26 5.77
CA GLU A 41 0.99 1.56 5.07
C GLU A 41 2.32 1.58 4.31
N LYS A 42 3.27 0.76 4.72
CA LYS A 42 4.56 0.74 4.02
C LYS A 42 4.78 -0.65 3.40
N LYS A 43 4.45 -1.70 4.12
CA LYS A 43 4.64 -3.08 3.60
C LYS A 43 4.12 -3.19 2.17
N LEU A 44 3.01 -2.55 1.88
CA LEU A 44 2.44 -2.64 0.53
C LEU A 44 3.03 -1.53 -0.34
N LEU A 45 3.50 -0.49 0.27
CA LEU A 45 4.09 0.64 -0.50
C LEU A 45 5.41 0.17 -1.14
N LYS A 46 6.02 -0.85 -0.61
CA LYS A 46 7.28 -1.35 -1.22
C LYS A 46 6.90 -1.94 -2.58
N LEU A 47 5.71 -2.46 -2.66
CA LEU A 47 5.20 -3.03 -3.94
C LEU A 47 4.32 -1.98 -4.62
N ARG A 48 4.30 -0.80 -4.08
CA ARG A 48 3.44 0.28 -4.63
C ARG A 48 4.17 1.64 -4.59
N GLU A 49 5.45 1.64 -4.34
CA GLU A 49 6.20 2.93 -4.30
C GLU A 49 6.63 3.31 -5.72
N GLN A 50 5.68 3.47 -6.61
CA GLN A 50 6.03 3.85 -8.00
C GLN A 50 7.25 3.04 -8.47
N GLY A 51 7.39 1.83 -7.99
CA GLY A 51 8.55 0.99 -8.40
C GLY A 51 9.81 1.85 -8.42
N THR A 52 10.73 1.55 -9.31
CA THR A 52 11.99 2.34 -9.38
C THR A 52 12.78 1.94 -10.63
N GLU A 53 13.09 0.66 -10.80
CA GLU A 53 13.86 0.24 -12.00
C GLU A 53 12.98 -0.69 -12.85
N SER A 54 13.50 -1.81 -13.27
CA SER A 54 12.68 -2.73 -14.10
C SER A 54 12.86 -4.17 -13.60
N ARG A 55 12.84 -4.36 -12.31
CA ARG A 55 13.01 -5.74 -11.76
C ARG A 55 12.05 -5.94 -10.59
N SER A 56 11.77 -7.17 -10.25
CA SER A 56 10.84 -7.43 -9.11
C SER A 56 11.43 -8.52 -8.21
N SER A 57 12.59 -8.28 -7.66
CA SER A 57 13.21 -9.30 -6.77
C SER A 57 13.55 -10.54 -7.58
N ARG A 1 -2.09 5.84 -11.41
CA ARG A 1 -3.07 5.99 -12.52
C ARG A 1 -3.30 7.48 -12.81
N GLN A 2 -2.96 8.33 -11.88
CA GLN A 2 -3.16 9.79 -12.11
C GLN A 2 -1.89 10.55 -11.70
N GLU A 3 -1.27 10.13 -10.63
CA GLU A 3 -0.03 10.82 -10.18
C GLU A 3 0.72 9.93 -9.18
N ASP A 4 2.00 9.74 -9.38
CA ASP A 4 2.79 8.88 -8.44
C ASP A 4 2.00 7.60 -8.17
N LYS A 5 2.42 6.82 -7.21
CA LYS A 5 1.70 5.57 -6.88
C LYS A 5 1.40 5.57 -5.38
N ASP A 6 2.43 5.64 -4.57
CA ASP A 6 2.21 5.69 -3.09
C ASP A 6 1.90 7.13 -2.66
N ASP A 7 1.11 7.83 -3.43
CA ASP A 7 0.79 9.24 -3.10
C ASP A 7 -0.37 9.33 -2.09
N LEU A 8 -1.47 8.67 -2.36
CA LEU A 8 -2.63 8.75 -1.42
C LEU A 8 -2.18 8.46 0.02
N ASP A 9 -3.11 8.40 0.92
CA ASP A 9 -2.76 8.14 2.35
C ASP A 9 -2.74 6.63 2.62
N VAL A 10 -1.63 5.99 2.40
CA VAL A 10 -1.53 4.52 2.64
C VAL A 10 -1.65 4.23 4.14
N THR A 11 -1.66 5.26 4.95
CA THR A 11 -1.77 5.02 6.43
C THR A 11 -3.17 5.44 6.93
N GLU A 12 -3.64 6.60 6.55
CA GLU A 12 -4.99 7.02 7.02
C GLU A 12 -6.05 6.16 6.31
N LEU A 13 -5.70 5.66 5.16
CA LEU A 13 -6.65 4.81 4.37
C LEU A 13 -7.52 3.97 5.31
N THR A 14 -8.68 3.60 4.85
CA THR A 14 -9.60 2.80 5.72
C THR A 14 -9.15 1.34 5.76
N ASN A 15 -9.92 0.50 6.41
CA ASN A 15 -9.52 -0.94 6.51
C ASN A 15 -10.26 -1.78 5.46
N GLU A 16 -11.56 -1.76 5.46
CA GLU A 16 -12.33 -2.58 4.48
C GLU A 16 -12.04 -2.14 3.06
N ASP A 17 -11.41 -1.02 2.87
CA ASP A 17 -11.13 -0.56 1.47
C ASP A 17 -9.65 -0.73 1.10
N LEU A 18 -8.75 -0.73 2.06
CA LEU A 18 -7.32 -0.89 1.67
C LEU A 18 -7.03 -2.36 1.42
N LEU A 19 -7.90 -3.22 1.88
CA LEU A 19 -7.67 -4.67 1.63
C LEU A 19 -7.39 -4.86 0.15
N ASP A 20 -8.25 -4.39 -0.71
CA ASP A 20 -7.97 -4.57 -2.15
C ASP A 20 -6.58 -4.02 -2.44
N GLN A 21 -6.22 -2.95 -1.77
CA GLN A 21 -4.88 -2.34 -1.97
C GLN A 21 -3.78 -3.34 -1.64
N LEU A 22 -3.96 -4.16 -0.66
CA LEU A 22 -2.92 -5.16 -0.32
C LEU A 22 -3.25 -6.46 -1.07
N VAL A 23 -4.36 -7.07 -0.76
CA VAL A 23 -4.76 -8.34 -1.42
C VAL A 23 -4.56 -8.28 -2.93
N LYS A 24 -4.43 -7.14 -3.56
CA LYS A 24 -4.28 -7.21 -5.04
C LYS A 24 -2.83 -7.02 -5.47
N TYR A 25 -2.08 -6.23 -4.78
CA TYR A 25 -0.67 -6.07 -5.21
C TYR A 25 0.05 -7.39 -4.94
N GLY A 26 -0.64 -8.35 -4.39
CA GLY A 26 0.02 -9.64 -4.08
C GLY A 26 0.35 -9.58 -2.61
N VAL A 27 -0.45 -8.86 -1.86
CA VAL A 27 -0.16 -8.74 -0.40
C VAL A 27 -1.30 -9.33 0.43
N ASN A 28 -0.98 -10.16 1.39
CA ASN A 28 -2.06 -10.76 2.22
C ASN A 28 -1.77 -10.50 3.71
N PRO A 29 -2.27 -9.38 4.18
CA PRO A 29 -2.11 -8.97 5.59
C PRO A 29 -3.03 -9.78 6.52
N GLY A 30 -4.30 -9.88 6.20
CA GLY A 30 -5.21 -10.66 7.09
C GLY A 30 -5.95 -9.70 8.03
N PRO A 31 -5.51 -9.66 9.26
CA PRO A 31 -6.12 -8.79 10.29
C PRO A 31 -5.59 -7.35 10.16
N ILE A 32 -6.30 -6.51 9.47
CA ILE A 32 -5.85 -5.09 9.33
C ILE A 32 -6.41 -4.29 10.52
N VAL A 33 -6.17 -4.76 11.70
CA VAL A 33 -6.67 -4.04 12.91
C VAL A 33 -6.29 -2.56 12.81
N GLY A 34 -6.73 -1.76 13.75
CA GLY A 34 -6.40 -0.30 13.71
C GLY A 34 -4.91 -0.11 13.98
N THR A 35 -4.21 -1.15 14.31
CA THR A 35 -2.76 -1.04 14.60
C THR A 35 -1.95 -1.58 13.42
N THR A 36 -2.62 -2.01 12.38
CA THR A 36 -1.86 -2.56 11.22
C THR A 36 -1.79 -1.56 10.07
N ARG A 37 -2.91 -1.01 9.63
CA ARG A 37 -2.84 -0.03 8.49
C ARG A 37 -1.52 0.76 8.52
N LYS A 38 -1.07 1.19 9.67
CA LYS A 38 0.22 1.91 9.74
C LYS A 38 1.31 0.96 9.22
N LEU A 39 1.40 -0.20 9.81
CA LEU A 39 2.41 -1.21 9.37
C LEU A 39 2.29 -1.44 7.87
N TYR A 40 1.14 -1.90 7.43
CA TYR A 40 0.94 -2.17 5.98
C TYR A 40 1.06 -0.86 5.18
N GLU A 41 1.02 0.26 5.86
CA GLU A 41 1.16 1.56 5.17
C GLU A 41 2.49 1.56 4.42
N LYS A 42 3.40 0.70 4.79
CA LYS A 42 4.69 0.67 4.09
C LYS A 42 4.83 -0.72 3.42
N LYS A 43 4.58 -1.76 4.16
CA LYS A 43 4.69 -3.13 3.56
C LYS A 43 4.13 -3.18 2.15
N LEU A 44 2.99 -2.59 1.95
CA LEU A 44 2.36 -2.60 0.61
C LEU A 44 2.96 -1.45 -0.20
N LEU A 45 3.16 -0.33 0.43
CA LEU A 45 3.73 0.84 -0.27
C LEU A 45 5.01 0.45 -1.00
N LYS A 46 5.69 -0.56 -0.52
CA LYS A 46 6.96 -0.96 -1.19
C LYS A 46 6.62 -1.56 -2.55
N LEU A 47 5.68 -2.46 -2.57
CA LEU A 47 5.26 -3.10 -3.85
C LEU A 47 4.54 -2.06 -4.71
N ARG A 48 4.27 -0.92 -4.15
CA ARG A 48 3.51 0.13 -4.89
C ARG A 48 4.25 1.47 -4.83
N GLU A 49 5.44 1.48 -4.30
CA GLU A 49 6.19 2.75 -4.18
C GLU A 49 6.93 3.02 -5.50
N GLN A 50 6.18 3.32 -6.52
CA GLN A 50 6.78 3.60 -7.85
C GLN A 50 7.67 4.83 -7.78
N GLY A 51 8.76 4.82 -8.51
CA GLY A 51 9.69 6.00 -8.53
C GLY A 51 9.88 6.56 -7.11
N THR A 52 10.98 6.22 -6.48
CA THR A 52 11.23 6.74 -5.10
C THR A 52 12.73 6.58 -4.78
N GLU A 53 13.36 7.63 -4.32
CA GLU A 53 14.82 7.53 -3.99
C GLU A 53 15.00 6.63 -2.77
N SER A 54 14.05 6.62 -1.88
CA SER A 54 14.18 5.78 -0.66
C SER A 54 15.14 6.43 0.33
N ARG A 55 14.92 7.68 0.65
CA ARG A 55 15.82 8.38 1.60
C ARG A 55 15.14 8.48 2.97
N SER A 56 15.12 7.40 3.71
CA SER A 56 14.47 7.43 5.05
C SER A 56 15.47 7.94 6.09
N SER A 57 15.89 9.17 5.96
CA SER A 57 16.87 9.71 6.95
C SER A 57 16.11 10.31 8.15
N ARG A 1 9.28 9.53 -12.11
CA ARG A 1 8.84 10.91 -11.80
C ARG A 1 7.32 11.01 -11.91
N GLN A 2 6.71 10.11 -12.63
CA GLN A 2 5.22 10.15 -12.78
C GLN A 2 4.63 8.87 -12.18
N GLU A 3 3.33 8.71 -12.27
CA GLU A 3 2.68 7.50 -11.70
C GLU A 3 3.31 7.17 -10.34
N ASP A 4 3.51 8.16 -9.51
CA ASP A 4 4.12 7.94 -8.17
C ASP A 4 3.61 6.62 -7.58
N LYS A 5 2.36 6.32 -7.77
CA LYS A 5 1.78 5.06 -7.22
C LYS A 5 1.45 5.27 -5.74
N ASP A 6 2.44 5.44 -4.89
CA ASP A 6 2.14 5.64 -3.43
C ASP A 6 1.75 7.10 -3.17
N ASP A 7 0.99 7.70 -4.05
CA ASP A 7 0.57 9.11 -3.81
C ASP A 7 -0.44 9.12 -2.66
N LEU A 8 -1.01 7.99 -2.36
CA LEU A 8 -2.00 7.90 -1.26
C LEU A 8 -1.26 7.84 0.08
N ASP A 9 -1.93 8.12 1.16
CA ASP A 9 -1.27 8.07 2.49
C ASP A 9 -0.98 6.60 2.84
N VAL A 10 -1.80 5.70 2.36
CA VAL A 10 -1.60 4.24 2.63
C VAL A 10 -1.70 3.94 4.13
N THR A 11 -1.97 4.93 4.95
CA THR A 11 -2.07 4.66 6.41
C THR A 11 -3.38 5.24 6.95
N GLU A 12 -3.58 6.52 6.80
CA GLU A 12 -4.85 7.12 7.28
C GLU A 12 -5.99 6.40 6.57
N LEU A 13 -5.71 5.90 5.41
CA LEU A 13 -6.73 5.16 4.62
C LEU A 13 -7.55 4.25 5.55
N THR A 14 -8.68 3.77 5.09
CA THR A 14 -9.53 2.92 5.95
C THR A 14 -9.04 1.47 5.96
N ASN A 15 -9.78 0.60 6.60
CA ASN A 15 -9.35 -0.84 6.68
C ASN A 15 -10.05 -1.67 5.59
N GLU A 16 -11.35 -1.70 5.59
CA GLU A 16 -12.08 -2.51 4.58
C GLU A 16 -11.75 -2.04 3.17
N ASP A 17 -11.31 -0.83 3.02
CA ASP A 17 -11.01 -0.32 1.65
C ASP A 17 -9.54 -0.52 1.29
N LEU A 18 -8.65 -0.59 2.25
CA LEU A 18 -7.22 -0.77 1.87
C LEU A 18 -6.95 -2.24 1.57
N LEU A 19 -7.79 -3.11 2.03
CA LEU A 19 -7.56 -4.55 1.75
C LEU A 19 -7.34 -4.70 0.24
N ASP A 20 -8.24 -4.22 -0.56
CA ASP A 20 -8.03 -4.35 -2.02
C ASP A 20 -6.64 -3.80 -2.35
N GLN A 21 -6.23 -2.77 -1.66
CA GLN A 21 -4.91 -2.15 -1.91
C GLN A 21 -3.78 -3.15 -1.59
N LEU A 22 -3.94 -3.97 -0.59
CA LEU A 22 -2.88 -4.96 -0.27
C LEU A 22 -3.18 -6.25 -1.03
N VAL A 23 -4.29 -6.85 -0.76
CA VAL A 23 -4.68 -8.12 -1.43
C VAL A 23 -4.52 -8.04 -2.95
N LYS A 24 -4.34 -6.88 -3.54
CA LYS A 24 -4.23 -6.91 -5.03
C LYS A 24 -2.80 -6.76 -5.52
N TYR A 25 -1.99 -5.98 -4.88
CA TYR A 25 -0.59 -5.89 -5.36
C TYR A 25 0.08 -7.24 -5.12
N GLY A 26 -0.62 -8.16 -4.50
CA GLY A 26 -0.02 -9.47 -4.20
C GLY A 26 0.33 -9.42 -2.71
N VAL A 27 -0.44 -8.68 -1.95
CA VAL A 27 -0.13 -8.56 -0.51
C VAL A 27 -1.27 -9.13 0.35
N ASN A 28 -0.96 -9.99 1.26
CA ASN A 28 -2.02 -10.56 2.14
C ASN A 28 -1.59 -10.41 3.60
N PRO A 29 -2.03 -9.33 4.21
CA PRO A 29 -1.73 -9.04 5.61
C PRO A 29 -2.57 -9.94 6.53
N GLY A 30 -3.87 -9.90 6.44
CA GLY A 30 -4.69 -10.82 7.30
C GLY A 30 -5.33 -10.08 8.49
N PRO A 31 -4.52 -9.84 9.50
CA PRO A 31 -4.97 -9.22 10.75
C PRO A 31 -5.10 -7.68 10.66
N ILE A 32 -5.68 -7.15 9.62
CA ILE A 32 -5.87 -5.66 9.60
C ILE A 32 -6.96 -5.36 10.64
N VAL A 33 -6.57 -5.14 11.87
CA VAL A 33 -7.57 -4.89 12.95
C VAL A 33 -7.91 -3.38 13.07
N GLY A 34 -6.99 -2.56 13.50
CA GLY A 34 -7.29 -1.11 13.62
C GLY A 34 -5.99 -0.32 13.67
N THR A 35 -4.93 -0.90 14.19
CA THR A 35 -3.64 -0.16 14.26
C THR A 35 -2.64 -0.75 13.28
N THR A 36 -3.03 -1.76 12.55
CA THR A 36 -2.08 -2.38 11.60
C THR A 36 -1.99 -1.61 10.28
N ARG A 37 -2.70 -0.54 10.16
CA ARG A 37 -2.63 0.24 8.88
C ARG A 37 -1.24 0.88 8.77
N LYS A 38 -0.93 1.85 9.59
CA LYS A 38 0.44 2.49 9.52
C LYS A 38 1.48 1.43 9.18
N LEU A 39 1.24 0.20 9.60
CA LEU A 39 2.20 -0.91 9.31
C LEU A 39 2.12 -1.28 7.83
N TYR A 40 0.95 -1.66 7.39
CA TYR A 40 0.77 -2.05 5.97
C TYR A 40 0.76 -0.80 5.09
N GLU A 41 0.93 0.35 5.67
CA GLU A 41 0.96 1.60 4.88
C GLU A 41 2.26 1.59 4.10
N LYS A 42 3.24 0.86 4.59
CA LYS A 42 4.54 0.79 3.87
C LYS A 42 4.69 -0.60 3.24
N LYS A 43 4.51 -1.60 4.04
CA LYS A 43 4.64 -3.01 3.54
C LYS A 43 4.08 -3.13 2.13
N LEU A 44 2.96 -2.53 1.87
CA LEU A 44 2.36 -2.62 0.54
C LEU A 44 2.94 -1.51 -0.34
N LEU A 45 3.28 -0.40 0.26
CA LEU A 45 3.86 0.73 -0.52
C LEU A 45 5.08 0.24 -1.32
N LYS A 46 5.85 -0.67 -0.78
CA LYS A 46 7.03 -1.17 -1.53
C LYS A 46 6.57 -1.65 -2.90
N LEU A 47 5.73 -2.64 -2.93
CA LEU A 47 5.21 -3.17 -4.22
C LEU A 47 4.40 -2.07 -4.92
N ARG A 48 3.93 -1.15 -4.15
CA ARG A 48 3.09 -0.04 -4.68
C ARG A 48 3.95 1.21 -4.86
N GLU A 49 5.24 1.05 -4.94
CA GLU A 49 6.14 2.22 -5.14
C GLU A 49 6.61 2.25 -6.58
N GLN A 50 5.78 2.76 -7.44
CA GLN A 50 6.08 2.87 -8.90
C GLN A 50 7.58 2.66 -9.17
N GLY A 51 7.91 1.79 -10.09
CA GLY A 51 9.35 1.53 -10.39
C GLY A 51 10.00 2.82 -10.93
N THR A 52 11.28 2.79 -11.15
CA THR A 52 11.97 4.00 -11.67
C THR A 52 12.58 3.70 -13.04
N GLU A 53 13.69 3.03 -13.07
CA GLU A 53 14.32 2.70 -14.39
C GLU A 53 13.99 1.25 -14.77
N SER A 54 14.16 0.33 -13.86
CA SER A 54 13.87 -1.10 -14.15
C SER A 54 15.05 -1.76 -14.85
N ARG A 55 15.65 -1.07 -15.80
CA ARG A 55 16.83 -1.62 -16.55
C ARG A 55 16.70 -3.15 -16.68
N SER A 56 17.80 -3.84 -16.78
CA SER A 56 17.74 -5.32 -16.92
C SER A 56 16.66 -5.69 -17.93
N SER A 57 16.38 -4.82 -18.87
CA SER A 57 15.35 -5.12 -19.88
C SER A 57 14.00 -5.35 -19.19
N ARG A 1 2.44 18.35 -9.08
CA ARG A 1 2.92 16.94 -9.19
C ARG A 1 1.76 15.98 -8.94
N GLN A 2 0.99 15.68 -9.96
CA GLN A 2 -0.16 14.77 -9.78
C GLN A 2 0.17 13.42 -10.43
N GLU A 3 -0.76 12.50 -10.41
CA GLU A 3 -0.51 11.16 -11.03
C GLU A 3 0.71 10.52 -10.35
N ASP A 4 0.48 9.45 -9.64
CA ASP A 4 1.61 8.77 -8.95
C ASP A 4 1.19 7.37 -8.50
N LYS A 5 2.05 6.67 -7.82
CA LYS A 5 1.69 5.31 -7.35
C LYS A 5 1.54 5.34 -5.82
N ASP A 6 2.57 5.72 -5.11
CA ASP A 6 2.45 5.81 -3.63
C ASP A 6 1.85 7.17 -3.26
N ASP A 7 0.85 7.59 -3.97
CA ASP A 7 0.22 8.91 -3.67
C ASP A 7 -0.84 8.72 -2.59
N LEU A 8 -1.44 7.56 -2.52
CA LEU A 8 -2.48 7.31 -1.50
C LEU A 8 -1.84 7.40 -0.11
N ASP A 9 -2.62 7.65 0.91
CA ASP A 9 -2.05 7.77 2.28
C ASP A 9 -1.44 6.42 2.70
N VAL A 10 -2.06 5.33 2.35
CA VAL A 10 -1.55 3.97 2.74
C VAL A 10 -1.62 3.78 4.27
N THR A 11 -1.87 4.82 5.02
CA THR A 11 -1.94 4.67 6.50
C THR A 11 -3.36 5.02 6.95
N GLU A 12 -3.86 6.17 6.61
CA GLU A 12 -5.25 6.52 7.00
C GLU A 12 -6.20 5.58 6.25
N LEU A 13 -5.76 5.15 5.09
CA LEU A 13 -6.57 4.20 4.25
C LEU A 13 -7.49 3.34 5.13
N THR A 14 -8.76 3.34 4.83
CA THR A 14 -9.73 2.55 5.64
C THR A 14 -9.33 1.07 5.69
N ASN A 15 -9.92 0.32 6.57
CA ASN A 15 -9.58 -1.12 6.68
C ASN A 15 -10.16 -1.91 5.51
N GLU A 16 -11.32 -1.53 5.03
CA GLU A 16 -11.93 -2.26 3.89
C GLU A 16 -11.39 -1.73 2.56
N ASP A 17 -11.50 -0.44 2.35
CA ASP A 17 -11.02 0.14 1.05
C ASP A 17 -9.51 -0.10 0.89
N LEU A 18 -8.82 -0.54 1.90
CA LEU A 18 -7.36 -0.77 1.73
C LEU A 18 -7.09 -2.26 1.48
N LEU A 19 -8.00 -3.10 1.86
CA LEU A 19 -7.78 -4.55 1.63
C LEU A 19 -7.65 -4.79 0.13
N ASP A 20 -8.17 -3.90 -0.68
CA ASP A 20 -8.04 -4.09 -2.15
C ASP A 20 -6.69 -3.55 -2.59
N GLN A 21 -6.13 -2.67 -1.82
CA GLN A 21 -4.83 -2.07 -2.13
C GLN A 21 -3.74 -3.06 -1.72
N LEU A 22 -3.99 -3.91 -0.76
CA LEU A 22 -2.98 -4.90 -0.33
C LEU A 22 -3.25 -6.22 -1.05
N VAL A 23 -4.46 -6.71 -0.93
CA VAL A 23 -4.81 -8.02 -1.55
C VAL A 23 -4.59 -8.04 -3.06
N LYS A 24 -4.34 -6.94 -3.72
CA LYS A 24 -4.16 -7.08 -5.19
C LYS A 24 -2.71 -6.91 -5.60
N TYR A 25 -1.97 -6.08 -4.94
CA TYR A 25 -0.54 -5.95 -5.33
C TYR A 25 0.15 -7.27 -5.03
N GLY A 26 -0.54 -8.19 -4.41
CA GLY A 26 0.08 -9.47 -4.04
C GLY A 26 0.35 -9.41 -2.56
N VAL A 27 -0.49 -8.72 -1.83
CA VAL A 27 -0.26 -8.59 -0.36
C VAL A 27 -1.42 -9.19 0.43
N ASN A 28 -1.12 -10.01 1.40
CA ASN A 28 -2.20 -10.62 2.23
C ASN A 28 -1.89 -10.37 3.71
N PRO A 29 -2.40 -9.28 4.22
CA PRO A 29 -2.20 -8.89 5.61
C PRO A 29 -3.07 -9.72 6.56
N GLY A 30 -4.35 -9.83 6.32
CA GLY A 30 -5.21 -10.64 7.23
C GLY A 30 -5.89 -9.70 8.24
N PRO A 31 -5.39 -9.67 9.45
CA PRO A 31 -5.93 -8.84 10.52
C PRO A 31 -5.45 -7.39 10.40
N ILE A 32 -6.18 -6.57 9.71
CA ILE A 32 -5.77 -5.15 9.57
C ILE A 32 -6.34 -4.36 10.77
N VAL A 33 -6.11 -4.84 11.94
CA VAL A 33 -6.64 -4.15 13.16
C VAL A 33 -6.34 -2.65 13.06
N GLY A 34 -6.80 -1.88 14.01
CA GLY A 34 -6.55 -0.40 13.97
C GLY A 34 -5.08 -0.13 14.28
N THR A 35 -4.29 -1.14 14.48
CA THR A 35 -2.85 -0.93 14.79
C THR A 35 -2.00 -1.46 13.64
N THR A 36 -2.61 -1.96 12.60
CA THR A 36 -1.79 -2.50 11.48
C THR A 36 -1.73 -1.53 10.30
N ARG A 37 -2.80 -0.86 9.95
CA ARG A 37 -2.72 0.08 8.78
C ARG A 37 -1.34 0.76 8.74
N LYS A 38 -0.88 1.34 9.82
CA LYS A 38 0.48 1.97 9.80
C LYS A 38 1.45 0.94 9.21
N LEU A 39 1.42 -0.25 9.74
CA LEU A 39 2.31 -1.34 9.25
C LEU A 39 2.15 -1.50 7.74
N TYR A 40 0.97 -1.79 7.32
CA TYR A 40 0.69 -2.00 5.87
C TYR A 40 0.75 -0.68 5.13
N GLU A 41 1.00 0.39 5.82
CA GLU A 41 1.12 1.72 5.14
C GLU A 41 2.47 1.73 4.43
N LYS A 42 3.37 0.87 4.84
CA LYS A 42 4.69 0.84 4.20
C LYS A 42 4.90 -0.56 3.59
N LYS A 43 4.47 -1.59 4.27
CA LYS A 43 4.63 -2.97 3.74
C LYS A 43 4.09 -3.06 2.32
N LEU A 44 2.97 -2.47 2.07
CA LEU A 44 2.38 -2.54 0.72
C LEU A 44 2.87 -1.35 -0.10
N LEU A 45 3.26 -0.30 0.57
CA LEU A 45 3.77 0.89 -0.17
C LEU A 45 5.01 0.48 -0.96
N LYS A 46 5.79 -0.42 -0.42
CA LYS A 46 7.02 -0.84 -1.13
C LYS A 46 6.63 -1.50 -2.45
N LEU A 47 5.45 -2.07 -2.50
CA LEU A 47 4.98 -2.74 -3.75
C LEU A 47 4.20 -1.73 -4.58
N ARG A 48 3.72 -0.69 -3.96
CA ARG A 48 2.92 0.33 -4.68
C ARG A 48 3.74 1.62 -4.80
N GLU A 49 4.99 1.58 -4.43
CA GLU A 49 5.83 2.78 -4.53
C GLU A 49 6.47 2.83 -5.92
N GLN A 50 5.64 2.97 -6.92
CA GLN A 50 6.15 3.02 -8.32
C GLN A 50 7.26 1.98 -8.51
N GLY A 51 8.14 2.21 -9.43
CA GLY A 51 9.25 1.23 -9.67
C GLY A 51 9.16 0.70 -11.10
N THR A 52 9.90 -0.34 -11.41
CA THR A 52 9.86 -0.91 -12.78
C THR A 52 9.28 -2.33 -12.73
N GLU A 53 7.98 -2.45 -12.76
CA GLU A 53 7.36 -3.81 -12.71
C GLU A 53 6.49 -4.02 -13.95
N SER A 54 6.80 -3.35 -15.04
CA SER A 54 5.98 -3.52 -16.26
C SER A 54 4.49 -3.41 -15.88
N ARG A 55 3.65 -4.20 -16.47
CA ARG A 55 2.20 -4.12 -16.13
C ARG A 55 1.67 -2.73 -16.46
N SER A 56 1.48 -2.42 -17.71
CA SER A 56 0.96 -1.08 -18.09
C SER A 56 2.03 -0.03 -17.77
N SER A 57 3.28 -0.39 -17.88
CA SER A 57 4.36 0.60 -17.58
C SER A 57 4.07 1.30 -16.25
N ARG A 1 2.56 10.41 -18.29
CA ARG A 1 2.61 11.38 -17.16
C ARG A 1 2.81 10.62 -15.85
N GLN A 2 2.46 9.36 -15.84
CA GLN A 2 2.61 8.54 -14.59
C GLN A 2 2.15 9.36 -13.37
N GLU A 3 2.40 8.87 -12.19
CA GLU A 3 1.98 9.62 -10.97
C GLU A 3 2.93 9.31 -9.81
N ASP A 4 2.62 8.30 -9.04
CA ASP A 4 3.51 7.94 -7.90
C ASP A 4 2.97 6.69 -7.21
N LYS A 5 1.67 6.54 -7.17
CA LYS A 5 1.05 5.34 -6.52
C LYS A 5 0.98 5.58 -5.01
N ASP A 6 2.10 5.67 -4.34
CA ASP A 6 2.08 5.90 -2.86
C ASP A 6 1.41 7.25 -2.57
N ASP A 7 1.14 8.03 -3.59
CA ASP A 7 0.48 9.35 -3.36
C ASP A 7 -0.63 9.17 -2.33
N LEU A 8 -1.21 8.00 -2.26
CA LEU A 8 -2.29 7.76 -1.27
C LEU A 8 -1.64 7.70 0.11
N ASP A 9 -2.26 8.27 1.10
CA ASP A 9 -1.68 8.25 2.46
C ASP A 9 -1.37 6.81 2.88
N VAL A 10 -1.96 5.84 2.23
CA VAL A 10 -1.72 4.40 2.55
C VAL A 10 -1.69 4.17 4.07
N THR A 11 -2.19 5.09 4.84
CA THR A 11 -2.21 4.89 6.31
C THR A 11 -3.57 5.33 6.85
N GLU A 12 -3.97 6.55 6.60
CA GLU A 12 -5.30 6.99 7.09
C GLU A 12 -6.35 6.13 6.38
N LEU A 13 -5.97 5.56 5.25
CA LEU A 13 -6.87 4.69 4.47
C LEU A 13 -7.72 3.84 5.40
N THR A 14 -8.81 3.30 4.91
CA THR A 14 -9.70 2.49 5.79
C THR A 14 -9.19 1.04 5.88
N ASN A 15 -9.82 0.24 6.69
CA ASN A 15 -9.36 -1.18 6.85
C ASN A 15 -9.89 -2.05 5.71
N GLU A 16 -11.07 -1.80 5.24
CA GLU A 16 -11.62 -2.64 4.13
C GLU A 16 -11.16 -2.07 2.79
N ASP A 17 -11.37 -0.80 2.58
CA ASP A 17 -10.96 -0.18 1.29
C ASP A 17 -9.47 -0.38 1.04
N LEU A 18 -8.71 -0.76 2.03
CA LEU A 18 -7.26 -0.96 1.78
C LEU A 18 -6.97 -2.43 1.51
N LEU A 19 -7.83 -3.31 1.96
CA LEU A 19 -7.57 -4.75 1.73
C LEU A 19 -7.56 -5.00 0.22
N ASP A 20 -8.08 -4.08 -0.56
CA ASP A 20 -8.07 -4.27 -2.03
C ASP A 20 -6.74 -3.71 -2.55
N GLN A 21 -6.20 -2.78 -1.84
CA GLN A 21 -4.92 -2.15 -2.19
C GLN A 21 -3.79 -3.10 -1.79
N LEU A 22 -4.02 -3.95 -0.83
CA LEU A 22 -2.98 -4.91 -0.40
C LEU A 22 -3.25 -6.25 -1.09
N VAL A 23 -4.43 -6.79 -0.91
CA VAL A 23 -4.78 -8.09 -1.52
C VAL A 23 -4.53 -8.12 -3.02
N LYS A 24 -4.34 -7.00 -3.67
CA LYS A 24 -4.14 -7.11 -5.14
C LYS A 24 -2.69 -6.93 -5.53
N TYR A 25 -1.95 -6.15 -4.82
CA TYR A 25 -0.53 -6.01 -5.17
C TYR A 25 0.19 -7.31 -4.84
N GLY A 26 -0.54 -8.27 -4.31
CA GLY A 26 0.09 -9.55 -3.93
C GLY A 26 0.32 -9.47 -2.43
N VAL A 27 -0.54 -8.77 -1.74
CA VAL A 27 -0.35 -8.61 -0.26
C VAL A 27 -1.56 -9.11 0.50
N ASN A 28 -1.38 -10.08 1.37
CA ASN A 28 -2.52 -10.58 2.17
C ASN A 28 -2.14 -10.54 3.64
N PRO A 29 -2.45 -9.43 4.27
CA PRO A 29 -2.13 -9.18 5.68
C PRO A 29 -3.09 -9.92 6.63
N GLY A 30 -4.26 -10.28 6.19
CA GLY A 30 -5.20 -10.98 7.09
C GLY A 30 -5.97 -9.95 7.95
N PRO A 31 -5.68 -9.93 9.23
CA PRO A 31 -6.34 -9.01 10.18
C PRO A 31 -5.71 -7.61 10.14
N ILE A 32 -6.47 -6.64 9.73
CA ILE A 32 -5.94 -5.24 9.70
C ILE A 32 -6.51 -4.47 10.89
N VAL A 33 -6.16 -4.88 12.07
CA VAL A 33 -6.66 -4.16 13.30
C VAL A 33 -6.37 -2.67 13.14
N GLY A 34 -6.77 -1.86 14.11
CA GLY A 34 -6.53 -0.40 14.02
C GLY A 34 -5.03 -0.09 14.17
N THR A 35 -4.21 -1.08 14.31
CA THR A 35 -2.75 -0.83 14.46
C THR A 35 -1.99 -1.38 13.25
N THR A 36 -2.68 -1.92 12.29
CA THR A 36 -1.98 -2.49 11.11
C THR A 36 -1.85 -1.48 9.97
N ARG A 37 -2.91 -0.84 9.55
CA ARG A 37 -2.78 0.14 8.42
C ARG A 37 -1.43 0.86 8.48
N LYS A 38 -1.00 1.33 9.62
CA LYS A 38 0.33 2.00 9.71
C LYS A 38 1.38 1.04 9.16
N LEU A 39 1.41 -0.16 9.68
CA LEU A 39 2.38 -1.18 9.19
C LEU A 39 2.21 -1.36 7.68
N TYR A 40 1.05 -1.79 7.27
CA TYR A 40 0.79 -2.02 5.82
C TYR A 40 0.82 -0.69 5.05
N GLU A 41 0.98 0.40 5.75
CA GLU A 41 1.06 1.71 5.07
C GLU A 41 2.37 1.76 4.29
N LYS A 42 3.32 0.97 4.69
CA LYS A 42 4.60 0.97 3.96
C LYS A 42 4.82 -0.43 3.35
N LYS A 43 4.49 -1.46 4.09
CA LYS A 43 4.67 -2.85 3.57
C LYS A 43 4.12 -2.98 2.17
N LEU A 44 2.99 -2.38 1.92
CA LEU A 44 2.37 -2.47 0.59
C LEU A 44 2.85 -1.29 -0.25
N LEU A 45 3.24 -0.23 0.39
CA LEU A 45 3.72 0.97 -0.36
C LEU A 45 4.99 0.59 -1.12
N LYS A 46 5.73 -0.38 -0.65
CA LYS A 46 6.97 -0.78 -1.39
C LYS A 46 6.53 -1.49 -2.67
N LEU A 47 5.86 -2.60 -2.54
CA LEU A 47 5.36 -3.31 -3.75
C LEU A 47 4.69 -2.25 -4.61
N ARG A 48 4.17 -1.26 -3.96
CA ARG A 48 3.46 -0.15 -4.66
C ARG A 48 4.50 0.76 -5.35
N GLU A 49 4.88 1.83 -4.72
CA GLU A 49 5.88 2.78 -5.31
C GLU A 49 5.88 2.70 -6.84
N GLN A 50 4.93 3.35 -7.45
CA GLN A 50 4.84 3.33 -8.94
C GLN A 50 6.26 3.41 -9.54
N GLY A 51 6.53 2.61 -10.53
CA GLY A 51 7.88 2.64 -11.17
C GLY A 51 8.19 1.27 -11.76
N THR A 52 9.41 0.82 -11.65
CA THR A 52 9.78 -0.51 -12.21
C THR A 52 9.44 -0.54 -13.71
N GLU A 53 9.35 0.60 -14.32
CA GLU A 53 9.02 0.63 -15.78
C GLU A 53 7.88 -0.35 -16.07
N SER A 54 6.66 0.09 -15.89
CA SER A 54 5.50 -0.82 -16.15
C SER A 54 5.42 -1.14 -17.65
N ARG A 55 6.19 -0.44 -18.44
CA ARG A 55 6.16 -0.70 -19.91
C ARG A 55 7.02 -1.93 -20.23
N SER A 56 7.57 -2.56 -19.24
CA SER A 56 8.41 -3.77 -19.49
C SER A 56 9.38 -3.48 -20.65
N SER A 57 9.96 -2.32 -20.66
CA SER A 57 10.91 -1.97 -21.76
C SER A 57 12.26 -2.61 -21.47
N ARG A 1 -0.63 10.30 -14.95
CA ARG A 1 -1.00 8.93 -14.47
C ARG A 1 -0.32 8.67 -13.12
N GLN A 2 -0.67 9.42 -12.10
CA GLN A 2 -0.05 9.21 -10.77
C GLN A 2 1.46 9.44 -10.87
N GLU A 3 1.98 10.30 -10.04
CA GLU A 3 3.44 10.57 -10.08
C GLU A 3 4.12 9.97 -8.84
N ASP A 4 3.46 9.03 -8.20
CA ASP A 4 4.04 8.41 -6.98
C ASP A 4 3.36 7.07 -6.70
N LYS A 5 2.07 6.99 -6.95
CA LYS A 5 1.31 5.73 -6.69
C LYS A 5 0.89 5.68 -5.22
N ASP A 6 1.84 5.73 -4.31
CA ASP A 6 1.50 5.69 -2.87
C ASP A 6 0.87 7.02 -2.42
N ASP A 7 0.61 7.92 -3.34
CA ASP A 7 0.00 9.23 -2.96
C ASP A 7 -1.06 9.01 -1.87
N LEU A 8 -1.71 7.88 -1.88
CA LEU A 8 -2.75 7.62 -0.84
C LEU A 8 -2.06 7.46 0.51
N ASP A 9 -2.53 8.14 1.52
CA ASP A 9 -1.89 8.03 2.86
C ASP A 9 -1.53 6.56 3.16
N VAL A 10 -2.37 5.65 2.74
CA VAL A 10 -2.13 4.19 2.96
C VAL A 10 -1.89 3.87 4.44
N THR A 11 -1.96 4.83 5.32
CA THR A 11 -1.76 4.54 6.77
C THR A 11 -3.02 4.96 7.54
N GLU A 12 -3.59 6.08 7.20
CA GLU A 12 -4.83 6.54 7.89
C GLU A 12 -6.02 5.92 7.16
N LEU A 13 -5.88 5.70 5.88
CA LEU A 13 -6.97 5.10 5.07
C LEU A 13 -7.72 4.04 5.87
N THR A 14 -8.93 3.74 5.47
CA THR A 14 -9.74 2.73 6.22
C THR A 14 -9.14 1.33 6.04
N ASN A 15 -9.80 0.33 6.57
CA ASN A 15 -9.27 -1.05 6.45
C ASN A 15 -9.98 -1.82 5.33
N GLU A 16 -11.28 -1.93 5.39
CA GLU A 16 -12.02 -2.67 4.34
C GLU A 16 -11.74 -2.09 2.95
N ASP A 17 -11.19 -0.91 2.89
CA ASP A 17 -10.91 -0.29 1.56
C ASP A 17 -9.45 -0.45 1.17
N LEU A 18 -8.56 -0.57 2.11
CA LEU A 18 -7.13 -0.71 1.71
C LEU A 18 -6.83 -2.17 1.43
N LEU A 19 -7.67 -3.06 1.88
CA LEU A 19 -7.42 -4.49 1.60
C LEU A 19 -7.31 -4.68 0.10
N ASP A 20 -7.80 -3.73 -0.66
CA ASP A 20 -7.70 -3.85 -2.15
C ASP A 20 -6.27 -3.49 -2.56
N GLN A 21 -5.69 -2.51 -1.92
CA GLN A 21 -4.31 -2.10 -2.27
C GLN A 21 -3.33 -3.19 -1.88
N LEU A 22 -3.68 -4.00 -0.93
CA LEU A 22 -2.74 -5.06 -0.50
C LEU A 22 -3.12 -6.37 -1.20
N VAL A 23 -4.30 -6.85 -0.97
CA VAL A 23 -4.75 -8.13 -1.58
C VAL A 23 -4.59 -8.12 -3.11
N LYS A 24 -4.30 -7.02 -3.74
CA LYS A 24 -4.18 -7.11 -5.22
C LYS A 24 -2.74 -7.05 -5.68
N TYR A 25 -1.89 -6.34 -5.00
CA TYR A 25 -0.48 -6.32 -5.43
C TYR A 25 0.13 -7.68 -5.09
N GLY A 26 -0.65 -8.57 -4.55
CA GLY A 26 -0.12 -9.89 -4.16
C GLY A 26 0.20 -9.80 -2.68
N VAL A 27 -0.57 -9.03 -1.95
CA VAL A 27 -0.27 -8.86 -0.50
C VAL A 27 -1.41 -9.42 0.37
N ASN A 28 -1.06 -10.13 1.40
CA ASN A 28 -2.09 -10.68 2.34
C ASN A 28 -1.63 -10.40 3.77
N PRO A 29 -2.07 -9.28 4.28
CA PRO A 29 -1.71 -8.83 5.65
C PRO A 29 -2.51 -9.57 6.73
N GLY A 30 -3.60 -10.18 6.37
CA GLY A 30 -4.41 -10.88 7.40
C GLY A 30 -5.44 -9.89 7.98
N PRO A 31 -5.45 -9.77 9.28
CA PRO A 31 -6.38 -8.87 9.99
C PRO A 31 -5.84 -7.44 10.02
N ILE A 32 -6.59 -6.50 9.51
CA ILE A 32 -6.14 -5.08 9.55
C ILE A 32 -6.84 -4.38 10.71
N VAL A 33 -6.12 -4.12 11.77
CA VAL A 33 -6.73 -3.45 12.95
C VAL A 33 -6.40 -1.94 12.92
N GLY A 34 -7.01 -1.16 13.77
CA GLY A 34 -6.73 0.31 13.77
C GLY A 34 -5.21 0.57 13.74
N THR A 35 -4.39 -0.41 13.99
CA THR A 35 -2.92 -0.17 13.99
C THR A 35 -2.25 -0.75 12.73
N THR A 36 -2.82 -1.73 12.10
CA THR A 36 -2.17 -2.32 10.91
C THR A 36 -2.06 -1.34 9.75
N ARG A 37 -3.15 -0.78 9.27
CA ARG A 37 -3.03 0.17 8.11
C ARG A 37 -1.72 0.98 8.22
N LYS A 38 -1.26 1.31 9.41
CA LYS A 38 0.03 2.04 9.53
C LYS A 38 1.15 1.08 9.12
N LEU A 39 1.16 -0.09 9.69
CA LEU A 39 2.20 -1.11 9.32
C LEU A 39 2.11 -1.38 7.81
N TYR A 40 1.00 -1.89 7.37
CA TYR A 40 0.82 -2.21 5.93
C TYR A 40 0.95 -0.93 5.09
N GLU A 41 0.82 0.21 5.73
CA GLU A 41 0.98 1.49 5.01
C GLU A 41 2.24 1.42 4.16
N LYS A 42 3.24 0.74 4.63
CA LYS A 42 4.50 0.67 3.86
C LYS A 42 4.65 -0.72 3.23
N LYS A 43 4.37 -1.75 3.97
CA LYS A 43 4.50 -3.13 3.43
C LYS A 43 3.95 -3.21 2.01
N LEU A 44 2.84 -2.58 1.75
CA LEU A 44 2.26 -2.65 0.40
C LEU A 44 2.80 -1.50 -0.45
N LEU A 45 3.19 -0.44 0.19
CA LEU A 45 3.73 0.72 -0.56
C LEU A 45 5.11 0.35 -1.12
N LYS A 46 5.68 -0.73 -0.70
CA LYS A 46 7.01 -1.10 -1.24
C LYS A 46 6.75 -1.78 -2.59
N LEU A 47 5.80 -2.66 -2.62
CA LEU A 47 5.44 -3.33 -3.90
C LEU A 47 4.81 -2.27 -4.82
N ARG A 48 4.50 -1.14 -4.26
CA ARG A 48 3.84 -0.05 -5.04
C ARG A 48 4.83 1.11 -5.23
N GLU A 49 4.98 1.92 -4.20
CA GLU A 49 5.91 3.11 -4.25
C GLU A 49 6.45 3.37 -5.64
N GLN A 50 5.58 3.66 -6.57
CA GLN A 50 6.04 3.94 -7.96
C GLN A 50 7.24 4.89 -7.93
N GLY A 51 8.25 4.60 -8.69
CA GLY A 51 9.45 5.49 -8.71
C GLY A 51 10.26 5.29 -7.42
N THR A 52 9.86 5.92 -6.36
CA THR A 52 10.61 5.76 -5.07
C THR A 52 11.89 6.59 -5.12
N GLU A 53 11.98 7.49 -6.07
CA GLU A 53 13.20 8.34 -6.17
C GLU A 53 14.45 7.45 -6.22
N SER A 54 15.06 7.31 -7.38
CA SER A 54 16.28 6.47 -7.47
C SER A 54 17.49 7.36 -7.75
N ARG A 55 17.38 8.62 -7.45
CA ARG A 55 18.52 9.56 -7.69
C ARG A 55 19.64 9.27 -6.70
N SER A 56 19.31 9.20 -5.43
CA SER A 56 20.36 8.93 -4.41
C SER A 56 19.70 8.73 -3.04
N SER A 57 19.19 9.79 -2.47
CA SER A 57 18.53 9.67 -1.13
C SER A 57 17.01 9.73 -1.31
N ARG A 1 2.36 15.00 -9.67
CA ARG A 1 3.65 14.69 -10.34
C ARG A 1 3.37 13.94 -11.64
N GLN A 2 4.27 13.08 -12.04
CA GLN A 2 4.06 12.30 -13.30
C GLN A 2 4.03 10.81 -12.98
N GLU A 3 4.32 10.43 -11.75
CA GLU A 3 4.31 8.99 -11.39
C GLU A 3 4.63 8.84 -9.90
N ASP A 4 3.74 8.28 -9.15
CA ASP A 4 3.99 8.11 -7.69
C ASP A 4 3.22 6.88 -7.18
N LYS A 5 1.92 6.93 -7.20
CA LYS A 5 1.09 5.78 -6.72
C LYS A 5 0.97 5.86 -5.21
N ASP A 6 2.07 5.77 -4.49
CA ASP A 6 1.98 5.86 -3.00
C ASP A 6 1.35 7.20 -2.61
N ASP A 7 1.24 8.11 -3.54
CA ASP A 7 0.63 9.43 -3.23
C ASP A 7 -0.60 9.23 -2.33
N LEU A 8 -1.29 8.12 -2.47
CA LEU A 8 -2.48 7.87 -1.62
C LEU A 8 -2.05 7.73 -0.16
N ASP A 9 -2.92 8.08 0.75
CA ASP A 9 -2.55 7.95 2.19
C ASP A 9 -2.51 6.46 2.55
N VAL A 10 -1.40 5.82 2.31
CA VAL A 10 -1.29 4.38 2.61
C VAL A 10 -1.41 4.13 4.12
N THR A 11 -1.43 5.18 4.90
CA THR A 11 -1.56 4.99 6.38
C THR A 11 -2.98 5.34 6.86
N GLU A 12 -3.48 6.49 6.51
CA GLU A 12 -4.86 6.86 6.96
C GLU A 12 -5.88 5.95 6.26
N LEU A 13 -5.50 5.43 5.12
CA LEU A 13 -6.42 4.54 4.34
C LEU A 13 -7.27 3.66 5.27
N THR A 14 -8.35 3.14 4.77
CA THR A 14 -9.26 2.33 5.64
C THR A 14 -8.96 0.83 5.51
N ASN A 15 -9.55 0.04 6.38
CA ASN A 15 -9.31 -1.44 6.35
C ASN A 15 -10.04 -2.11 5.18
N GLU A 16 -11.34 -2.04 5.14
CA GLU A 16 -12.09 -2.70 4.04
C GLU A 16 -11.77 -2.06 2.68
N ASP A 17 -11.30 -0.85 2.68
CA ASP A 17 -11.00 -0.19 1.37
C ASP A 17 -9.51 -0.26 1.03
N LEU A 18 -8.66 -0.59 1.97
CA LEU A 18 -7.23 -0.68 1.61
C LEU A 18 -6.90 -2.12 1.31
N LEU A 19 -7.77 -3.00 1.69
CA LEU A 19 -7.51 -4.43 1.39
C LEU A 19 -7.24 -4.54 -0.11
N ASP A 20 -8.15 -4.12 -0.94
CA ASP A 20 -7.86 -4.25 -2.40
C ASP A 20 -6.46 -3.70 -2.64
N GLN A 21 -6.08 -2.75 -1.84
CA GLN A 21 -4.73 -2.14 -1.98
C GLN A 21 -3.63 -3.15 -1.61
N LEU A 22 -3.83 -3.93 -0.57
CA LEU A 22 -2.81 -4.93 -0.18
C LEU A 22 -3.15 -6.26 -0.86
N VAL A 23 -4.33 -6.72 -0.63
CA VAL A 23 -4.78 -8.01 -1.17
C VAL A 23 -4.61 -8.07 -2.69
N LYS A 24 -4.31 -6.98 -3.38
CA LYS A 24 -4.17 -7.15 -4.85
C LYS A 24 -2.72 -7.03 -5.31
N TYR A 25 -1.92 -6.19 -4.72
CA TYR A 25 -0.52 -6.11 -5.18
C TYR A 25 0.16 -7.44 -4.84
N GLY A 26 -0.55 -8.34 -4.21
CA GLY A 26 0.06 -9.63 -3.84
C GLY A 26 0.36 -9.56 -2.36
N VAL A 27 -0.46 -8.84 -1.63
CA VAL A 27 -0.20 -8.71 -0.16
C VAL A 27 -1.34 -9.34 0.64
N ASN A 28 -1.04 -10.26 1.50
CA ASN A 28 -2.11 -10.89 2.32
C ASN A 28 -1.87 -10.58 3.80
N PRO A 29 -2.32 -9.42 4.22
CA PRO A 29 -2.19 -9.00 5.62
C PRO A 29 -3.16 -9.76 6.53
N GLY A 30 -4.41 -9.85 6.16
CA GLY A 30 -5.38 -10.59 7.01
C GLY A 30 -6.10 -9.61 7.96
N PRO A 31 -5.72 -9.64 9.21
CA PRO A 31 -6.31 -8.77 10.23
C PRO A 31 -5.73 -7.36 10.16
N ILE A 32 -6.38 -6.47 9.46
CA ILE A 32 -5.87 -5.08 9.38
C ILE A 32 -6.43 -4.29 10.55
N VAL A 33 -6.22 -4.76 11.75
CA VAL A 33 -6.74 -4.05 12.94
C VAL A 33 -6.35 -2.58 12.86
N GLY A 34 -6.78 -1.77 13.80
CA GLY A 34 -6.43 -0.32 13.75
C GLY A 34 -4.94 -0.15 14.04
N THR A 35 -4.26 -1.21 14.38
CA THR A 35 -2.80 -1.11 14.68
C THR A 35 -1.99 -1.64 13.50
N THR A 36 -2.64 -2.05 12.45
CA THR A 36 -1.89 -2.60 11.29
C THR A 36 -1.79 -1.59 10.15
N ARG A 37 -2.88 -1.00 9.71
CA ARG A 37 -2.78 -0.02 8.58
C ARG A 37 -1.46 0.75 8.65
N LYS A 38 -1.02 1.19 9.80
CA LYS A 38 0.29 1.90 9.88
C LYS A 38 1.36 0.95 9.35
N LEU A 39 1.41 -0.23 9.91
CA LEU A 39 2.41 -1.26 9.47
C LEU A 39 2.27 -1.46 7.96
N TYR A 40 1.13 -1.89 7.52
CA TYR A 40 0.91 -2.15 6.06
C TYR A 40 0.98 -0.84 5.27
N GLU A 41 1.03 0.26 5.96
CA GLU A 41 1.14 1.57 5.27
C GLU A 41 2.46 1.58 4.50
N LYS A 42 3.39 0.80 4.94
CA LYS A 42 4.72 0.78 4.29
C LYS A 42 4.92 -0.56 3.56
N LYS A 43 4.55 -1.64 4.18
CA LYS A 43 4.71 -2.97 3.54
C LYS A 43 4.16 -2.98 2.12
N LEU A 44 3.00 -2.42 1.94
CA LEU A 44 2.38 -2.43 0.61
C LEU A 44 2.86 -1.21 -0.18
N LEU A 45 3.47 -0.25 0.46
CA LEU A 45 3.96 0.94 -0.29
C LEU A 45 5.12 0.51 -1.17
N LYS A 46 5.94 -0.41 -0.70
CA LYS A 46 7.07 -0.90 -1.54
C LYS A 46 6.50 -1.75 -2.68
N LEU A 47 5.23 -2.01 -2.63
CA LEU A 47 4.56 -2.83 -3.68
C LEU A 47 3.76 -1.89 -4.58
N ARG A 48 3.36 -0.81 -4.01
CA ARG A 48 2.54 0.21 -4.71
C ARG A 48 3.40 1.47 -4.95
N GLU A 49 4.69 1.30 -4.99
CA GLU A 49 5.60 2.45 -5.23
C GLU A 49 5.86 2.57 -6.73
N GLN A 50 4.87 2.99 -7.45
CA GLN A 50 5.01 3.14 -8.94
C GLN A 50 6.43 3.61 -9.28
N GLY A 51 6.94 3.20 -10.40
CA GLY A 51 8.31 3.62 -10.80
C GLY A 51 9.34 2.81 -10.03
N THR A 52 9.76 3.28 -8.89
CA THR A 52 10.76 2.52 -8.09
C THR A 52 11.86 2.00 -9.02
N GLU A 53 12.09 2.66 -10.12
CA GLU A 53 13.14 2.19 -11.07
C GLU A 53 13.67 3.41 -11.85
N SER A 54 12.98 3.82 -12.87
CA SER A 54 13.44 4.99 -13.67
C SER A 54 14.80 4.67 -14.30
N ARG A 55 14.87 3.59 -15.03
CA ARG A 55 16.17 3.23 -15.68
C ARG A 55 15.89 2.46 -16.97
N SER A 56 16.85 2.43 -17.86
CA SER A 56 16.66 1.69 -19.14
C SER A 56 15.31 2.10 -19.76
N SER A 57 14.27 1.37 -19.47
CA SER A 57 12.94 1.72 -20.04
C SER A 57 11.87 0.82 -19.43
N ARG A 1 4.13 18.41 -8.72
CA ARG A 1 4.26 17.09 -8.05
C ARG A 1 3.00 16.26 -8.34
N GLN A 2 3.08 15.36 -9.28
CA GLN A 2 1.89 14.52 -9.61
C GLN A 2 2.34 13.12 -10.02
N GLU A 3 1.50 12.39 -10.73
CA GLU A 3 1.88 11.02 -11.17
C GLU A 3 2.66 10.30 -10.06
N ASP A 4 1.97 9.56 -9.24
CA ASP A 4 2.66 8.83 -8.14
C ASP A 4 1.82 7.61 -7.75
N LYS A 5 2.33 6.78 -6.87
CA LYS A 5 1.57 5.58 -6.45
C LYS A 5 1.33 5.64 -4.94
N ASP A 6 2.37 5.65 -4.15
CA ASP A 6 2.17 5.75 -2.67
C ASP A 6 1.30 6.98 -2.36
N ASP A 7 1.18 7.87 -3.31
CA ASP A 7 0.36 9.11 -3.10
C ASP A 7 -0.85 8.81 -2.21
N LEU A 8 -1.71 7.90 -2.60
CA LEU A 8 -2.90 7.60 -1.75
C LEU A 8 -2.45 7.47 -0.31
N ASP A 9 -3.06 8.19 0.60
CA ASP A 9 -2.65 8.10 2.02
C ASP A 9 -2.64 6.63 2.45
N VAL A 10 -1.52 5.99 2.28
CA VAL A 10 -1.44 4.54 2.66
C VAL A 10 -1.60 4.38 4.17
N THR A 11 -1.66 5.46 4.91
CA THR A 11 -1.82 5.31 6.39
C THR A 11 -3.23 5.69 6.84
N GLU A 12 -3.72 6.83 6.46
CA GLU A 12 -5.11 7.21 6.88
C GLU A 12 -6.09 6.25 6.22
N LEU A 13 -5.73 5.74 5.07
CA LEU A 13 -6.61 4.79 4.32
C LEU A 13 -7.43 3.95 5.31
N THR A 14 -8.60 3.53 4.92
CA THR A 14 -9.45 2.75 5.85
C THR A 14 -9.01 1.28 5.87
N ASN A 15 -9.67 0.47 6.66
CA ASN A 15 -9.28 -0.97 6.75
C ASN A 15 -9.94 -1.76 5.63
N GLU A 16 -11.20 -1.54 5.37
CA GLU A 16 -11.88 -2.31 4.28
C GLU A 16 -11.49 -1.74 2.92
N ASP A 17 -11.10 -0.49 2.87
CA ASP A 17 -10.73 0.11 1.56
C ASP A 17 -9.26 -0.19 1.23
N LEU A 18 -8.45 -0.58 2.17
CA LEU A 18 -7.03 -0.88 1.81
C LEU A 18 -6.86 -2.36 1.59
N LEU A 19 -7.82 -3.15 1.96
CA LEU A 19 -7.68 -4.60 1.73
C LEU A 19 -7.62 -4.82 0.22
N ASP A 20 -8.26 -3.96 -0.54
CA ASP A 20 -8.23 -4.10 -2.01
C ASP A 20 -6.89 -3.56 -2.51
N GLN A 21 -6.16 -2.93 -1.64
CA GLN A 21 -4.83 -2.36 -1.97
C GLN A 21 -3.73 -3.37 -1.65
N LEU A 22 -3.91 -4.15 -0.64
CA LEU A 22 -2.88 -5.15 -0.28
C LEU A 22 -3.21 -6.48 -0.94
N VAL A 23 -4.47 -6.79 -1.06
CA VAL A 23 -4.85 -8.09 -1.67
C VAL A 23 -4.70 -8.07 -3.18
N LYS A 24 -4.12 -7.05 -3.76
CA LYS A 24 -3.99 -7.09 -5.25
C LYS A 24 -2.54 -6.95 -5.66
N TYR A 25 -1.84 -5.95 -5.18
CA TYR A 25 -0.41 -5.85 -5.53
C TYR A 25 0.20 -7.23 -5.30
N GLY A 26 -0.47 -8.04 -4.51
CA GLY A 26 0.01 -9.39 -4.21
C GLY A 26 0.35 -9.42 -2.74
N VAL A 27 -0.41 -8.73 -1.95
CA VAL A 27 -0.11 -8.69 -0.48
C VAL A 27 -1.27 -9.28 0.31
N ASN A 28 -0.97 -10.03 1.34
CA ASN A 28 -2.07 -10.63 2.16
C ASN A 28 -1.76 -10.45 3.65
N PRO A 29 -2.23 -9.35 4.19
CA PRO A 29 -2.04 -9.02 5.61
C PRO A 29 -2.96 -9.84 6.52
N GLY A 30 -4.24 -9.88 6.25
CA GLY A 30 -5.15 -10.67 7.12
C GLY A 30 -5.85 -9.74 8.11
N PRO A 31 -5.37 -9.73 9.34
CA PRO A 31 -5.93 -8.90 10.40
C PRO A 31 -5.45 -7.45 10.29
N ILE A 32 -6.22 -6.60 9.67
CA ILE A 32 -5.81 -5.18 9.55
C ILE A 32 -6.41 -4.38 10.70
N VAL A 33 -6.24 -4.85 11.90
CA VAL A 33 -6.80 -4.11 13.07
C VAL A 33 -6.42 -2.63 12.96
N GLY A 34 -6.88 -1.82 13.87
CA GLY A 34 -6.55 -0.36 13.78
C GLY A 34 -5.06 -0.15 14.06
N THR A 35 -4.36 -1.19 14.41
CA THR A 35 -2.90 -1.03 14.71
C THR A 35 -2.07 -1.55 13.54
N THR A 36 -2.68 -1.99 12.48
CA THR A 36 -1.89 -2.52 11.34
C THR A 36 -1.87 -1.54 10.17
N ARG A 37 -3.00 -1.04 9.72
CA ARG A 37 -2.99 -0.09 8.56
C ARG A 37 -1.69 0.72 8.53
N LYS A 38 -1.26 1.24 9.64
CA LYS A 38 0.03 1.99 9.67
C LYS A 38 1.14 1.05 9.18
N LEU A 39 1.27 -0.07 9.83
CA LEU A 39 2.30 -1.07 9.44
C LEU A 39 2.19 -1.38 7.95
N TYR A 40 1.08 -1.91 7.53
CA TYR A 40 0.90 -2.25 6.10
C TYR A 40 0.92 -0.99 5.26
N GLU A 41 0.85 0.14 5.88
CA GLU A 41 0.90 1.42 5.11
C GLU A 41 2.21 1.45 4.34
N LYS A 42 3.19 0.68 4.76
CA LYS A 42 4.49 0.66 4.05
C LYS A 42 4.66 -0.71 3.39
N LYS A 43 4.52 -1.74 4.16
CA LYS A 43 4.69 -3.13 3.62
C LYS A 43 4.12 -3.24 2.21
N LEU A 44 3.07 -2.53 1.93
CA LEU A 44 2.45 -2.59 0.60
C LEU A 44 3.13 -1.54 -0.30
N LEU A 45 3.46 -0.41 0.27
CA LEU A 45 4.12 0.67 -0.52
C LEU A 45 5.37 0.13 -1.22
N LYS A 46 6.12 -0.73 -0.57
CA LYS A 46 7.35 -1.27 -1.22
C LYS A 46 6.96 -1.84 -2.58
N LEU A 47 5.83 -2.47 -2.64
CA LEU A 47 5.32 -3.05 -3.92
C LEU A 47 4.53 -1.99 -4.68
N ARG A 48 4.14 -0.97 -3.98
CA ARG A 48 3.31 0.11 -4.60
C ARG A 48 4.10 1.42 -4.66
N GLU A 49 5.40 1.37 -4.55
CA GLU A 49 6.19 2.64 -4.62
C GLU A 49 6.49 2.98 -6.07
N GLN A 50 5.47 3.17 -6.86
CA GLN A 50 5.67 3.52 -8.29
C GLN A 50 6.87 2.77 -8.86
N GLY A 51 7.57 3.35 -9.80
CA GLY A 51 8.75 2.65 -10.40
C GLY A 51 8.34 1.25 -10.85
N THR A 52 7.08 1.03 -11.07
CA THR A 52 6.62 -0.31 -11.52
C THR A 52 7.00 -0.52 -12.98
N GLU A 53 6.92 0.51 -13.77
CA GLU A 53 7.29 0.38 -15.21
C GLU A 53 7.02 1.70 -15.93
N SER A 54 7.57 2.77 -15.43
CA SER A 54 7.35 4.09 -16.09
C SER A 54 5.86 4.25 -16.44
N ARG A 55 5.49 3.91 -17.65
CA ARG A 55 4.06 4.04 -18.05
C ARG A 55 3.50 5.38 -17.54
N SER A 56 4.03 6.47 -18.02
CA SER A 56 3.53 7.80 -17.57
C SER A 56 2.40 8.26 -18.50
N SER A 57 2.60 8.15 -19.78
CA SER A 57 1.55 8.59 -20.73
C SER A 57 1.75 7.88 -22.08
N ARG A 1 0.65 13.42 -15.19
CA ARG A 1 0.06 14.34 -14.18
C ARG A 1 0.64 13.99 -12.79
N GLN A 2 1.32 12.89 -12.69
CA GLN A 2 1.91 12.50 -11.37
C GLN A 2 2.87 11.33 -11.57
N GLU A 3 3.64 11.02 -10.57
CA GLU A 3 4.60 9.87 -10.70
C GLU A 3 5.04 9.41 -9.31
N ASP A 4 4.17 8.75 -8.60
CA ASP A 4 4.53 8.27 -7.23
C ASP A 4 3.83 6.94 -6.95
N LYS A 5 2.56 6.86 -7.24
CA LYS A 5 1.79 5.60 -7.01
C LYS A 5 1.34 5.55 -5.54
N ASP A 6 2.27 5.55 -4.63
CA ASP A 6 1.88 5.51 -3.18
C ASP A 6 1.25 6.83 -2.74
N ASP A 7 1.07 7.76 -3.65
CA ASP A 7 0.45 9.06 -3.27
C ASP A 7 -0.73 8.84 -2.33
N LEU A 8 -1.58 7.88 -2.61
CA LEU A 8 -2.75 7.63 -1.72
C LEU A 8 -2.30 7.71 -0.26
N ASP A 9 -3.19 8.05 0.63
CA ASP A 9 -2.82 8.12 2.06
C ASP A 9 -2.86 6.72 2.65
N VAL A 10 -1.87 5.91 2.34
CA VAL A 10 -1.85 4.50 2.85
C VAL A 10 -2.02 4.46 4.37
N THR A 11 -1.95 5.58 5.06
CA THR A 11 -2.09 5.53 6.55
C THR A 11 -3.49 5.98 6.99
N GLU A 12 -3.91 7.17 6.63
CA GLU A 12 -5.27 7.62 7.05
C GLU A 12 -6.30 6.65 6.48
N LEU A 13 -5.95 6.04 5.38
CA LEU A 13 -6.84 5.07 4.70
C LEU A 13 -7.63 4.22 5.71
N THR A 14 -8.64 3.53 5.25
CA THR A 14 -9.45 2.69 6.16
C THR A 14 -8.91 1.26 6.18
N ASN A 15 -9.62 0.35 6.79
CA ASN A 15 -9.15 -1.05 6.85
C ASN A 15 -9.63 -1.82 5.62
N GLU A 16 -10.91 -1.81 5.36
CA GLU A 16 -11.44 -2.54 4.19
C GLU A 16 -10.95 -1.88 2.90
N ASP A 17 -11.08 -0.59 2.81
CA ASP A 17 -10.63 0.12 1.57
C ASP A 17 -9.16 -0.16 1.28
N LEU A 18 -8.35 -0.40 2.26
CA LEU A 18 -6.92 -0.67 1.96
C LEU A 18 -6.74 -2.14 1.63
N LEU A 19 -7.67 -2.97 2.01
CA LEU A 19 -7.53 -4.42 1.69
C LEU A 19 -7.41 -4.56 0.18
N ASP A 20 -7.79 -3.56 -0.56
CA ASP A 20 -7.68 -3.64 -2.04
C ASP A 20 -6.25 -3.30 -2.45
N GLN A 21 -5.61 -2.43 -1.71
CA GLN A 21 -4.21 -2.04 -2.03
C GLN A 21 -3.26 -3.17 -1.65
N LEU A 22 -3.64 -4.00 -0.73
CA LEU A 22 -2.73 -5.10 -0.32
C LEU A 22 -3.16 -6.38 -1.03
N VAL A 23 -4.41 -6.72 -0.93
CA VAL A 23 -4.89 -7.98 -1.56
C VAL A 23 -4.70 -7.97 -3.08
N LYS A 24 -4.27 -6.90 -3.69
CA LYS A 24 -4.14 -6.98 -5.16
C LYS A 24 -2.69 -6.95 -5.62
N TYR A 25 -1.84 -6.24 -4.95
CA TYR A 25 -0.43 -6.24 -5.39
C TYR A 25 0.16 -7.61 -5.08
N GLY A 26 -0.63 -8.49 -4.52
CA GLY A 26 -0.09 -9.81 -4.16
C GLY A 26 0.22 -9.74 -2.67
N VAL A 27 -0.49 -8.89 -1.97
CA VAL A 27 -0.23 -8.74 -0.51
C VAL A 27 -1.43 -9.25 0.30
N ASN A 28 -1.20 -10.18 1.18
CA ASN A 28 -2.31 -10.70 2.00
C ASN A 28 -1.94 -10.65 3.48
N PRO A 29 -2.26 -9.54 4.11
CA PRO A 29 -2.00 -9.31 5.53
C PRO A 29 -2.96 -10.11 6.41
N GLY A 30 -4.25 -10.01 6.19
CA GLY A 30 -5.20 -10.78 7.04
C GLY A 30 -5.84 -9.87 8.09
N PRO A 31 -5.29 -9.88 9.28
CA PRO A 31 -5.79 -9.08 10.40
C PRO A 31 -5.32 -7.63 10.30
N ILE A 32 -6.13 -6.77 9.74
CA ILE A 32 -5.74 -5.34 9.63
C ILE A 32 -6.38 -4.56 10.77
N VAL A 33 -6.08 -4.92 11.98
CA VAL A 33 -6.67 -4.21 13.16
C VAL A 33 -6.39 -2.71 13.02
N GLY A 34 -6.87 -1.92 13.94
CA GLY A 34 -6.64 -0.44 13.85
C GLY A 34 -5.16 -0.13 14.10
N THR A 35 -4.37 -1.12 14.40
CA THR A 35 -2.93 -0.89 14.66
C THR A 35 -2.10 -1.43 13.49
N THR A 36 -2.74 -1.95 12.48
CA THR A 36 -1.97 -2.52 11.35
C THR A 36 -1.96 -1.57 10.14
N ARG A 37 -3.11 -1.07 9.72
CA ARG A 37 -3.11 -0.16 8.52
C ARG A 37 -1.80 0.65 8.47
N LYS A 38 -1.41 1.26 9.56
CA LYS A 38 -0.14 2.03 9.56
C LYS A 38 1.00 1.09 9.11
N LEU A 39 1.13 -0.02 9.76
CA LEU A 39 2.20 -1.00 9.39
C LEU A 39 2.09 -1.37 7.91
N TYR A 40 1.01 -1.96 7.53
CA TYR A 40 0.83 -2.35 6.11
C TYR A 40 0.80 -1.11 5.22
N GLU A 41 0.74 0.04 5.82
CA GLU A 41 0.72 1.29 5.03
C GLU A 41 2.02 1.39 4.23
N LYS A 42 3.04 0.69 4.65
CA LYS A 42 4.31 0.75 3.90
C LYS A 42 4.59 -0.62 3.27
N LYS A 43 4.31 -1.66 4.01
CA LYS A 43 4.54 -3.05 3.49
C LYS A 43 4.01 -3.18 2.06
N LEU A 44 2.91 -2.55 1.76
CA LEU A 44 2.33 -2.66 0.41
C LEU A 44 2.96 -1.58 -0.48
N LEU A 45 3.38 -0.51 0.12
CA LEU A 45 4.01 0.59 -0.65
C LEU A 45 5.36 0.14 -1.19
N LYS A 46 5.96 -0.85 -0.59
CA LYS A 46 7.27 -1.34 -1.11
C LYS A 46 7.01 -2.00 -2.46
N LEU A 47 5.82 -2.49 -2.63
CA LEU A 47 5.42 -3.15 -3.91
C LEU A 47 4.68 -2.12 -4.77
N ARG A 48 4.57 -0.91 -4.29
CA ARG A 48 3.80 0.11 -5.06
C ARG A 48 4.48 1.50 -4.94
N GLU A 49 5.70 1.55 -4.50
CA GLU A 49 6.38 2.87 -4.39
C GLU A 49 7.01 3.21 -5.74
N GLN A 50 6.19 3.49 -6.71
CA GLN A 50 6.71 3.83 -8.06
C GLN A 50 7.93 4.75 -7.93
N GLY A 51 9.08 4.25 -8.28
CA GLY A 51 10.32 5.09 -8.17
C GLY A 51 11.46 4.41 -8.93
N THR A 52 12.24 3.63 -8.25
CA THR A 52 13.37 2.93 -8.93
C THR A 52 13.81 1.72 -8.10
N GLU A 53 13.62 0.52 -8.62
CA GLU A 53 14.03 -0.69 -7.85
C GLU A 53 14.66 -1.70 -8.82
N SER A 54 15.95 -1.65 -8.99
CA SER A 54 16.62 -2.60 -9.91
C SER A 54 16.98 -3.89 -9.15
N ARG A 55 16.05 -4.41 -8.40
CA ARG A 55 16.34 -5.66 -7.64
C ARG A 55 15.28 -6.72 -7.98
N SER A 56 15.58 -7.98 -7.77
CA SER A 56 14.59 -9.04 -8.08
C SER A 56 15.17 -10.40 -7.68
N SER A 57 16.15 -10.87 -8.40
CA SER A 57 16.75 -12.19 -8.06
C SER A 57 18.24 -12.18 -8.43
N ARG A 1 5.99 13.74 -13.46
CA ARG A 1 5.65 12.71 -12.44
C ARG A 1 4.27 13.00 -11.87
N GLN A 2 3.28 12.26 -12.29
CA GLN A 2 1.90 12.49 -11.76
C GLN A 2 1.30 11.17 -11.28
N GLU A 3 2.02 10.09 -11.42
CA GLU A 3 1.49 8.77 -10.98
C GLU A 3 2.52 8.07 -10.09
N ASP A 4 2.67 8.50 -8.87
CA ASP A 4 3.66 7.85 -7.96
C ASP A 4 3.05 6.59 -7.37
N LYS A 5 1.75 6.47 -7.43
CA LYS A 5 1.06 5.26 -6.86
C LYS A 5 0.86 5.47 -5.35
N ASP A 6 1.93 5.63 -4.61
CA ASP A 6 1.79 5.81 -3.14
C ASP A 6 1.18 7.19 -2.84
N ASP A 7 0.86 7.96 -3.85
CA ASP A 7 0.24 9.30 -3.60
C ASP A 7 -0.80 9.15 -2.49
N LEU A 8 -1.38 7.98 -2.39
CA LEU A 8 -2.39 7.75 -1.32
C LEU A 8 -1.67 7.69 0.03
N ASP A 9 -2.33 8.04 1.09
CA ASP A 9 -1.65 7.99 2.42
C ASP A 9 -1.26 6.56 2.77
N VAL A 10 -2.10 5.61 2.42
CA VAL A 10 -1.82 4.17 2.72
C VAL A 10 -1.82 3.93 4.24
N THR A 11 -2.05 4.95 5.03
CA THR A 11 -2.06 4.76 6.50
C THR A 11 -3.38 5.28 7.06
N GLU A 12 -3.68 6.54 6.83
CA GLU A 12 -4.98 7.07 7.33
C GLU A 12 -6.09 6.29 6.63
N LEU A 13 -5.77 5.73 5.49
CA LEU A 13 -6.74 4.93 4.70
C LEU A 13 -7.63 4.08 5.62
N THR A 14 -8.70 3.55 5.10
CA THR A 14 -9.61 2.74 5.96
C THR A 14 -9.15 1.28 5.97
N ASN A 15 -9.85 0.43 6.68
CA ASN A 15 -9.46 -1.00 6.76
C ASN A 15 -10.12 -1.81 5.63
N GLU A 16 -11.41 -1.69 5.48
CA GLU A 16 -12.11 -2.47 4.41
C GLU A 16 -11.79 -1.89 3.03
N ASP A 17 -11.22 -0.72 2.98
CA ASP A 17 -10.91 -0.11 1.66
C ASP A 17 -9.44 -0.32 1.28
N LEU A 18 -8.57 -0.53 2.25
CA LEU A 18 -7.14 -0.74 1.88
C LEU A 18 -6.91 -2.21 1.57
N LEU A 19 -7.84 -3.04 1.88
CA LEU A 19 -7.64 -4.48 1.58
C LEU A 19 -7.53 -4.61 0.06
N ASP A 20 -7.96 -3.61 -0.66
CA ASP A 20 -7.89 -3.67 -2.15
C ASP A 20 -6.49 -3.26 -2.61
N GLN A 21 -5.73 -2.62 -1.75
CA GLN A 21 -4.35 -2.20 -2.12
C GLN A 21 -3.37 -3.28 -1.70
N LEU A 22 -3.73 -4.08 -0.73
CA LEU A 22 -2.80 -5.13 -0.27
C LEU A 22 -3.19 -6.46 -0.91
N VAL A 23 -4.44 -6.69 -1.13
CA VAL A 23 -4.86 -7.97 -1.73
C VAL A 23 -4.63 -7.96 -3.24
N LYS A 24 -3.95 -6.99 -3.77
CA LYS A 24 -3.76 -7.03 -5.25
C LYS A 24 -2.29 -7.08 -5.63
N TYR A 25 -1.49 -6.17 -5.16
CA TYR A 25 -0.05 -6.28 -5.51
C TYR A 25 0.38 -7.70 -5.14
N GLY A 26 -0.41 -8.35 -4.33
CA GLY A 26 -0.09 -9.72 -3.92
C GLY A 26 0.19 -9.68 -2.42
N VAL A 27 -0.49 -8.81 -1.72
CA VAL A 27 -0.23 -8.71 -0.25
C VAL A 27 -1.42 -9.22 0.56
N ASN A 28 -1.17 -10.03 1.55
CA ASN A 28 -2.29 -10.55 2.38
C ASN A 28 -2.00 -10.21 3.85
N PRO A 29 -2.49 -9.07 4.26
CA PRO A 29 -2.32 -8.58 5.65
C PRO A 29 -3.29 -9.30 6.59
N GLY A 30 -4.04 -10.22 6.09
CA GLY A 30 -5.00 -10.97 6.96
C GLY A 30 -5.67 -10.01 7.95
N PRO A 31 -5.19 -10.02 9.18
CA PRO A 31 -5.74 -9.16 10.25
C PRO A 31 -5.27 -7.71 10.16
N ILE A 32 -6.02 -6.87 9.49
CA ILE A 32 -5.65 -5.44 9.41
C ILE A 32 -6.25 -4.72 10.62
N VAL A 33 -5.95 -5.19 11.80
CA VAL A 33 -6.52 -4.56 13.03
C VAL A 33 -6.34 -3.04 12.95
N GLY A 34 -6.83 -2.32 13.92
CA GLY A 34 -6.69 -0.82 13.89
C GLY A 34 -5.24 -0.42 14.14
N THR A 35 -4.37 -1.37 14.33
CA THR A 35 -2.94 -1.03 14.58
C THR A 35 -2.10 -1.45 13.37
N THR A 36 -2.72 -1.96 12.35
CA THR A 36 -1.93 -2.42 11.17
C THR A 36 -1.94 -1.37 10.06
N ARG A 37 -3.09 -0.89 9.64
CA ARG A 37 -3.14 0.12 8.54
C ARG A 37 -1.85 0.93 8.47
N LYS A 38 -1.35 1.40 9.58
CA LYS A 38 -0.07 2.16 9.57
C LYS A 38 1.04 1.22 9.08
N LEU A 39 1.22 0.12 9.75
CA LEU A 39 2.26 -0.87 9.34
C LEU A 39 2.13 -1.16 7.85
N TYR A 40 1.01 -1.69 7.45
CA TYR A 40 0.81 -2.03 6.01
C TYR A 40 0.90 -0.78 5.15
N GLU A 41 0.73 0.36 5.75
CA GLU A 41 0.83 1.62 4.97
C GLU A 41 2.14 1.62 4.19
N LYS A 42 3.15 0.97 4.70
CA LYS A 42 4.46 0.94 4.00
C LYS A 42 4.68 -0.45 3.37
N LYS A 43 4.41 -1.49 4.12
CA LYS A 43 4.61 -2.87 3.60
C LYS A 43 4.04 -3.01 2.20
N LEU A 44 2.92 -2.41 1.94
CA LEU A 44 2.32 -2.53 0.60
C LEU A 44 2.80 -1.36 -0.27
N LEU A 45 3.24 -0.31 0.36
CA LEU A 45 3.73 0.87 -0.41
C LEU A 45 4.99 0.49 -1.18
N LYS A 46 5.74 -0.48 -0.70
CA LYS A 46 6.97 -0.87 -1.44
C LYS A 46 6.54 -1.59 -2.72
N LEU A 47 5.91 -2.73 -2.59
CA LEU A 47 5.42 -3.44 -3.81
C LEU A 47 4.73 -2.40 -4.67
N ARG A 48 4.17 -1.44 -4.01
CA ARG A 48 3.44 -0.33 -4.69
C ARG A 48 4.46 0.62 -5.34
N GLU A 49 4.79 1.72 -4.70
CA GLU A 49 5.78 2.70 -5.23
C GLU A 49 5.89 2.60 -6.76
N GLN A 50 4.98 3.22 -7.45
CA GLN A 50 5.02 3.18 -8.95
C GLN A 50 6.47 3.31 -9.43
N GLY A 51 7.16 4.32 -8.97
CA GLY A 51 8.58 4.51 -9.39
C GLY A 51 9.42 3.31 -8.96
N THR A 52 10.35 3.51 -8.07
CA THR A 52 11.20 2.38 -7.61
C THR A 52 12.21 2.02 -8.69
N GLU A 53 12.41 2.88 -9.65
CA GLU A 53 13.37 2.60 -10.74
C GLU A 53 14.79 2.43 -10.17
N SER A 54 15.00 2.74 -8.92
CA SER A 54 16.37 2.60 -8.35
C SER A 54 17.33 3.47 -9.16
N ARG A 55 17.28 4.77 -8.99
CA ARG A 55 18.18 5.66 -9.77
C ARG A 55 18.87 6.64 -8.82
N SER A 56 19.40 6.15 -7.73
CA SER A 56 20.08 7.06 -6.76
C SER A 56 21.60 6.88 -6.90
N SER A 57 22.35 7.39 -5.95
CA SER A 57 23.83 7.24 -6.02
C SER A 57 24.47 8.07 -4.90
#